data_2AMB
#
_entry.id   2AMB
#
_cell.length_a   54.310
_cell.length_b   66.040
_cell.length_c   71.370
_cell.angle_alpha   90.00
_cell.angle_beta   90.00
_cell.angle_gamma   90.00
#
_symmetry.space_group_name_H-M   'P 21 21 21'
#
loop_
_entity.id
_entity.type
_entity.pdbx_description
1 polymer 'Androgen receptor'
2 non-polymer 'SULFATE ION'
3 non-polymer 17-HYDROXY-18A-HOMO-19-NOR-17ALPHA-PREGNA-4,9,11-TRIEN-3-ONE
4 non-polymer 2,3-DIHYDROXY-1,4-DITHIOBUTANE
5 non-polymer '4-(2-HYDROXYETHYL)-1-PIPERAZINE ETHANESULFONIC ACID'
6 non-polymer GLYCEROL
7 water water
#
_entity_poly.entity_id   1
_entity_poly.type   'polypeptide(L)'
_entity_poly.pdbx_seq_one_letter_code
;ETTQKLTVSHIEGYECQPIFLNVLEAIEPGVVCAGHDNNQPDSFAALLSSLNELGERQLVHVVKWAKALPGFRNLHVDDQ
MAVIQYSWMGLMVFAMGWRSFTNVNSRMLYFAPDLVFNEYRMHKSRMYSQCVRMRHLSQEFGWLQITPQEFLCMKALLLF
SIIPVDGLKNQKFFDELRMNYIKELDRIIACKRKNPTSCSRRFYQLTKLLDSVQPIARELHQFTFDLLIKSHMVSVDFPE
MMAEIISVQVPKILSGKVKPIYFHTQ
;
_entity_poly.pdbx_strand_id   A
#
# COMPACT_ATOMS: atom_id res chain seq x y z
N PRO A 18 17.60 18.03 -7.91
CA PRO A 18 17.14 16.73 -7.43
C PRO A 18 16.11 16.22 -8.45
N ILE A 19 16.56 15.77 -9.61
CA ILE A 19 15.77 15.23 -10.67
C ILE A 19 14.84 14.14 -10.11
N PHE A 20 15.39 13.21 -9.32
CA PHE A 20 14.59 12.11 -8.79
C PHE A 20 13.38 12.57 -7.95
N LEU A 21 13.66 13.36 -6.91
CA LEU A 21 12.58 13.87 -6.07
C LEU A 21 11.60 14.74 -6.85
N ASN A 22 12.10 15.53 -7.83
CA ASN A 22 11.24 16.39 -8.67
C ASN A 22 10.17 15.47 -9.29
N VAL A 23 10.63 14.36 -9.86
CA VAL A 23 9.71 13.44 -10.54
C VAL A 23 8.70 12.83 -9.56
N LEU A 24 9.19 12.28 -8.43
CA LEU A 24 8.26 11.71 -7.46
C LEU A 24 7.12 12.66 -7.01
N GLU A 25 7.34 13.97 -6.83
N GLU A 25 7.41 13.95 -6.78
CA GLU A 25 6.27 14.91 -6.38
CA GLU A 25 6.34 14.87 -6.35
C GLU A 25 5.37 15.20 -7.55
C GLU A 25 5.40 15.12 -7.48
N ALA A 26 5.99 15.26 -8.69
CA ALA A 26 5.24 15.56 -9.88
C ALA A 26 4.19 14.48 -10.19
N ILE A 27 4.55 13.20 -10.01
CA ILE A 27 3.64 12.09 -10.29
C ILE A 27 2.73 11.64 -9.14
N GLU A 28 2.89 12.25 -7.96
CA GLU A 28 2.14 11.80 -6.78
C GLU A 28 0.66 12.05 -6.99
N PRO A 29 -0.18 11.02 -6.84
CA PRO A 29 -1.62 11.18 -7.04
C PRO A 29 -2.24 12.26 -6.15
N GLY A 30 -3.29 12.91 -6.64
CA GLY A 30 -3.99 13.88 -5.82
C GLY A 30 -5.01 13.17 -4.92
N VAL A 31 -5.95 13.95 -4.37
CA VAL A 31 -6.98 13.42 -3.48
C VAL A 31 -7.92 12.49 -4.24
N VAL A 32 -8.34 11.39 -3.62
CA VAL A 32 -9.29 10.42 -4.23
C VAL A 32 -10.42 10.21 -3.24
N CYS A 33 -11.66 10.38 -3.71
CA CYS A 33 -12.84 10.30 -2.88
C CYS A 33 -13.51 8.92 -3.01
N ALA A 34 -14.23 8.52 -1.91
CA ALA A 34 -14.82 7.21 -1.87
C ALA A 34 -16.23 7.22 -2.37
N GLY A 35 -16.89 8.38 -2.27
CA GLY A 35 -18.28 8.52 -2.66
C GLY A 35 -19.29 8.11 -1.59
N HIS A 36 -18.82 7.87 -0.36
CA HIS A 36 -19.63 7.42 0.76
C HIS A 36 -20.71 8.40 1.20
N ASP A 37 -21.83 7.86 1.66
CA ASP A 37 -22.95 8.68 2.16
C ASP A 37 -22.76 8.90 3.63
N ASN A 38 -22.16 10.02 4.00
CA ASN A 38 -21.92 10.28 5.42
C ASN A 38 -23.18 10.69 6.14
N ASN A 39 -24.26 10.53 5.41
CA ASN A 39 -25.46 10.82 6.10
C ASN A 39 -26.18 9.56 6.53
N GLN A 40 -25.75 8.48 6.01
CA GLN A 40 -26.45 7.34 6.45
C GLN A 40 -25.84 6.89 7.73
N PRO A 41 -26.63 6.24 8.55
CA PRO A 41 -26.09 5.62 9.74
C PRO A 41 -25.03 4.62 9.32
N ASP A 42 -23.99 4.47 10.12
CA ASP A 42 -22.95 3.51 9.79
C ASP A 42 -23.45 2.06 9.91
N SER A 43 -23.06 1.26 8.92
CA SER A 43 -23.40 -0.16 8.85
C SER A 43 -22.24 -0.90 8.19
N PHE A 44 -22.17 -2.20 8.50
CA PHE A 44 -21.17 -3.10 7.98
C PHE A 44 -21.14 -3.10 6.45
N ALA A 45 -22.28 -3.40 5.82
CA ALA A 45 -22.36 -3.45 4.36
C ALA A 45 -21.96 -2.15 3.66
N ALA A 46 -22.46 -1.02 4.17
CA ALA A 46 -22.20 0.25 3.55
C ALA A 46 -20.75 0.70 3.69
N LEU A 47 -20.20 0.51 4.89
CA LEU A 47 -18.80 0.89 5.10
C LEU A 47 -17.83 0.05 4.23
N LEU A 48 -18.04 -1.27 4.22
CA LEU A 48 -17.17 -2.14 3.45
C LEU A 48 -17.39 -1.95 1.95
N SER A 49 -18.61 -1.67 1.54
N SER A 49 -18.62 -1.67 1.54
CA SER A 49 -18.85 -1.40 0.14
CA SER A 49 -18.83 -1.41 0.14
C SER A 49 -18.19 -0.04 -0.25
C SER A 49 -18.20 -0.04 -0.27
N SER A 50 -18.16 0.95 0.62
CA SER A 50 -17.50 2.22 0.26
C SER A 50 -15.99 1.99 0.22
N LEU A 51 -15.43 1.19 1.13
CA LEU A 51 -13.97 0.93 1.09
C LEU A 51 -13.56 0.25 -0.22
N ASN A 52 -14.34 -0.77 -0.61
CA ASN A 52 -14.05 -1.51 -1.86
C ASN A 52 -14.09 -0.59 -3.06
N GLU A 53 -15.05 0.32 -3.09
CA GLU A 53 -15.15 1.27 -4.22
C GLU A 53 -13.90 2.17 -4.21
N LEU A 54 -13.52 2.67 -3.04
CA LEU A 54 -12.33 3.49 -2.93
C LEU A 54 -11.09 2.69 -3.38
N GLY A 55 -11.03 1.41 -3.01
CA GLY A 55 -9.93 0.55 -3.40
C GLY A 55 -9.83 0.49 -4.92
N GLU A 56 -10.95 0.36 -5.61
CA GLU A 56 -10.93 0.34 -7.07
C GLU A 56 -10.43 1.65 -7.63
N ARG A 57 -10.89 2.76 -7.05
CA ARG A 57 -10.49 4.09 -7.51
C ARG A 57 -8.98 4.33 -7.29
N GLN A 58 -8.49 3.88 -6.13
N GLN A 58 -8.46 3.90 -6.13
CA GLN A 58 -7.07 4.03 -5.80
CA GLN A 58 -7.03 4.10 -5.85
C GLN A 58 -6.15 3.23 -6.72
C GLN A 58 -6.13 3.21 -6.72
N LEU A 59 -6.61 2.02 -7.01
CA LEU A 59 -5.89 1.09 -7.86
C LEU A 59 -5.64 1.75 -9.22
N VAL A 60 -6.65 2.44 -9.74
CA VAL A 60 -6.54 3.13 -11.03
C VAL A 60 -5.40 4.13 -10.93
N HIS A 61 -5.38 4.87 -9.83
CA HIS A 61 -4.32 5.87 -9.61
C HIS A 61 -2.95 5.26 -9.35
N VAL A 62 -2.91 4.14 -8.63
CA VAL A 62 -1.62 3.44 -8.37
C VAL A 62 -0.98 2.96 -9.70
N VAL A 63 -1.80 2.46 -10.62
CA VAL A 63 -1.28 2.00 -11.92
C VAL A 63 -0.66 3.20 -12.71
N LYS A 64 -1.38 4.32 -12.81
CA LYS A 64 -0.87 5.49 -13.58
C LYS A 64 0.38 6.03 -12.90
N TRP A 65 0.35 6.02 -11.56
CA TRP A 65 1.51 6.48 -10.78
C TRP A 65 2.73 5.59 -11.05
N ALA A 66 2.55 4.28 -10.89
CA ALA A 66 3.62 3.30 -11.08
C ALA A 66 4.24 3.40 -12.50
N LYS A 67 3.37 3.47 -13.50
CA LYS A 67 3.81 3.55 -14.89
C LYS A 67 4.62 4.80 -15.26
N ALA A 68 4.52 5.85 -14.41
CA ALA A 68 5.23 7.10 -14.60
C ALA A 68 6.52 7.15 -13.77
N LEU A 69 6.82 6.08 -13.00
CA LEU A 69 8.05 6.08 -12.20
C LEU A 69 9.33 5.95 -13.00
N PRO A 70 10.42 6.62 -12.56
CA PRO A 70 11.71 6.54 -13.28
C PRO A 70 12.16 5.08 -13.43
N GLY A 71 12.46 4.68 -14.66
CA GLY A 71 12.93 3.33 -14.92
C GLY A 71 11.87 2.24 -15.00
N PHE A 72 10.60 2.57 -14.74
CA PHE A 72 9.58 1.53 -14.76
C PHE A 72 9.46 0.73 -16.07
N ARG A 73 9.63 1.44 -17.20
CA ARG A 73 9.56 0.80 -18.51
C ARG A 73 10.77 -0.09 -18.78
N ASN A 74 11.71 -0.17 -17.85
CA ASN A 74 12.82 -1.09 -18.06
C ASN A 74 12.25 -2.50 -17.79
N LEU A 75 11.19 -2.63 -16.98
CA LEU A 75 10.63 -3.95 -16.66
C LEU A 75 9.84 -4.56 -17.81
N HIS A 76 9.90 -5.87 -17.91
CA HIS A 76 9.10 -6.57 -18.92
C HIS A 76 7.61 -6.19 -18.77
N VAL A 77 6.87 -6.08 -19.86
CA VAL A 77 5.47 -5.70 -19.73
C VAL A 77 4.65 -6.53 -18.71
N ASP A 78 4.83 -7.83 -18.71
N ASP A 78 4.88 -7.83 -18.70
CA ASP A 78 4.05 -8.63 -17.79
CA ASP A 78 4.11 -8.64 -17.78
C ASP A 78 4.44 -8.34 -16.33
C ASP A 78 4.63 -8.71 -16.35
N ASP A 79 5.77 -8.12 -16.13
CA ASP A 79 6.33 -7.95 -14.77
C ASP A 79 5.77 -6.64 -14.21
N GLN A 80 5.61 -5.63 -15.07
CA GLN A 80 5.03 -4.34 -14.64
C GLN A 80 3.64 -4.47 -13.96
N MET A 81 2.71 -5.22 -14.56
CA MET A 81 1.42 -5.32 -13.95
C MET A 81 1.47 -6.19 -12.72
N ALA A 82 2.32 -7.20 -12.79
CA ALA A 82 2.44 -8.15 -11.67
C ALA A 82 2.91 -7.44 -10.41
N VAL A 83 3.97 -6.66 -10.49
CA VAL A 83 4.46 -5.98 -9.29
C VAL A 83 3.43 -4.96 -8.78
N ILE A 84 2.67 -4.32 -9.69
CA ILE A 84 1.62 -3.40 -9.27
C ILE A 84 0.50 -4.18 -8.52
N GLN A 85 0.08 -5.30 -9.08
CA GLN A 85 -0.98 -6.08 -8.42
C GLN A 85 -0.58 -6.64 -7.05
N TYR A 86 0.65 -7.12 -6.93
CA TYR A 86 1.12 -7.68 -5.65
C TYR A 86 1.36 -6.60 -4.58
N SER A 87 1.82 -5.41 -5.00
N SER A 87 1.83 -5.43 -5.01
CA SER A 87 2.10 -4.33 -4.04
CA SER A 87 2.09 -4.37 -4.02
C SER A 87 0.97 -3.34 -3.75
C SER A 87 0.93 -3.44 -3.70
N TRP A 88 -0.13 -3.44 -4.52
CA TRP A 88 -1.28 -2.54 -4.35
C TRP A 88 -1.75 -2.37 -2.92
N MET A 89 -1.97 -3.50 -2.23
CA MET A 89 -2.44 -3.41 -0.87
C MET A 89 -1.48 -2.63 0.06
N GLY A 90 -0.21 -3.03 0.04
CA GLY A 90 0.80 -2.34 0.86
C GLY A 90 0.92 -0.87 0.53
N LEU A 91 0.90 -0.56 -0.76
CA LEU A 91 0.98 0.84 -1.19
C LEU A 91 -0.20 1.67 -0.70
N MET A 92 -1.39 1.07 -0.68
CA MET A 92 -2.58 1.78 -0.23
C MET A 92 -2.50 2.06 1.25
N VAL A 93 -2.07 1.05 1.99
CA VAL A 93 -1.94 1.15 3.45
C VAL A 93 -0.91 2.21 3.81
N PHE A 94 0.23 2.17 3.13
CA PHE A 94 1.35 3.10 3.44
C PHE A 94 0.95 4.57 3.22
N ALA A 95 0.32 4.83 2.07
CA ALA A 95 -0.11 6.19 1.76
C ALA A 95 -1.25 6.61 2.69
N MET A 96 -2.14 5.66 3.03
CA MET A 96 -3.26 5.99 3.92
C MET A 96 -2.68 6.35 5.30
N GLY A 97 -1.65 5.63 5.71
CA GLY A 97 -1.02 5.94 7.00
C GLY A 97 -0.43 7.35 6.98
N TRP A 98 0.16 7.74 5.85
CA TRP A 98 0.76 9.08 5.71
C TRP A 98 -0.33 10.15 5.75
N ARG A 99 -1.41 9.94 4.98
CA ARG A 99 -2.53 10.91 4.98
C ARG A 99 -3.14 11.11 6.39
N SER A 100 -3.25 10.03 7.16
CA SER A 100 -3.80 10.09 8.49
C SER A 100 -2.89 10.91 9.37
N PHE A 101 -1.58 10.73 9.18
CA PHE A 101 -0.57 11.47 9.93
C PHE A 101 -0.66 12.95 9.63
N THR A 102 -0.58 13.33 8.35
CA THR A 102 -0.61 14.74 8.01
C THR A 102 -1.96 15.43 8.29
N ASN A 103 -3.09 14.72 8.12
CA ASN A 103 -4.39 15.36 8.28
C ASN A 103 -4.97 15.38 9.67
N VAL A 104 -4.85 14.26 10.39
CA VAL A 104 -5.43 14.15 11.72
C VAL A 104 -4.48 13.62 12.78
N ASN A 105 -3.20 13.83 12.55
CA ASN A 105 -2.15 13.38 13.46
C ASN A 105 -2.35 11.91 13.90
N SER A 106 -2.78 11.07 12.97
CA SER A 106 -2.94 9.64 13.25
C SER A 106 -4.06 9.29 14.22
N ARG A 107 -4.93 10.25 14.56
CA ARG A 107 -5.99 9.96 15.52
C ARG A 107 -7.11 9.10 14.90
N MET A 108 -7.29 9.20 13.58
CA MET A 108 -8.31 8.41 12.89
C MET A 108 -7.69 7.94 11.60
N LEU A 109 -8.33 7.01 10.88
CA LEU A 109 -7.78 6.52 9.63
C LEU A 109 -8.46 7.28 8.49
N TYR A 110 -7.63 8.09 7.82
CA TYR A 110 -8.06 8.97 6.73
C TYR A 110 -8.01 8.25 5.40
N PHE A 111 -8.95 7.34 5.18
CA PHE A 111 -9.00 6.61 3.93
C PHE A 111 -9.26 7.56 2.78
N ALA A 112 -10.19 8.49 3.00
CA ALA A 112 -10.47 9.51 2.00
C ALA A 112 -11.13 10.68 2.75
N PRO A 113 -11.20 11.87 2.12
CA PRO A 113 -11.80 13.04 2.75
C PRO A 113 -13.23 12.72 3.18
N ASP A 114 -13.90 11.84 2.40
CA ASP A 114 -15.27 11.48 2.67
C ASP A 114 -15.42 10.08 3.29
N LEU A 115 -14.32 9.54 3.81
CA LEU A 115 -14.40 8.24 4.47
C LEU A 115 -13.31 8.21 5.54
N VAL A 116 -13.60 8.86 6.67
CA VAL A 116 -12.64 8.90 7.78
C VAL A 116 -13.16 7.97 8.87
N PHE A 117 -12.34 7.01 9.28
CA PHE A 117 -12.74 6.04 10.27
C PHE A 117 -12.40 6.45 11.69
N ASN A 118 -13.43 6.68 12.50
CA ASN A 118 -13.26 6.93 13.94
C ASN A 118 -13.34 5.55 14.58
N GLU A 119 -13.21 5.47 15.91
CA GLU A 119 -13.27 4.16 16.58
C GLU A 119 -14.61 3.43 16.37
N TYR A 120 -15.69 4.19 16.23
CA TYR A 120 -16.97 3.55 16.04
C TYR A 120 -16.93 2.80 14.69
N ARG A 121 -16.44 3.47 13.65
CA ARG A 121 -16.33 2.85 12.31
C ARG A 121 -15.35 1.67 12.29
N MET A 122 -14.25 1.76 13.05
N MET A 122 -14.27 1.77 13.07
CA MET A 122 -13.32 0.66 13.14
CA MET A 122 -13.32 0.68 13.18
C MET A 122 -14.13 -0.53 13.64
C MET A 122 -14.07 -0.54 13.68
N HIS A 123 -14.96 -0.32 14.66
CA HIS A 123 -15.73 -1.41 15.17
C HIS A 123 -16.83 -1.89 14.25
N LYS A 124 -17.61 -0.98 13.67
N LYS A 124 -17.62 -0.99 13.69
CA LYS A 124 -18.70 -1.44 12.83
CA LYS A 124 -18.70 -1.44 12.83
C LYS A 124 -18.28 -2.09 11.50
C LYS A 124 -18.27 -2.10 11.51
N SER A 125 -17.07 -1.79 11.07
CA SER A 125 -16.57 -2.37 9.83
C SER A 125 -16.14 -3.80 10.06
N ARG A 126 -16.02 -4.16 11.34
CA ARG A 126 -15.59 -5.48 11.80
C ARG A 126 -14.14 -5.67 11.34
N MET A 127 -13.43 -4.56 11.21
N MET A 127 -13.39 -4.56 11.20
CA MET A 127 -12.04 -4.60 10.81
CA MET A 127 -11.99 -4.57 10.78
C MET A 127 -11.25 -4.01 11.95
C MET A 127 -11.18 -3.92 11.90
N TYR A 128 -11.78 -4.02 13.12
CA TYR A 128 -11.06 -3.34 14.23
C TYR A 128 -9.58 -3.65 14.43
N SER A 129 -9.24 -4.93 14.58
CA SER A 129 -7.83 -5.31 14.80
C SER A 129 -6.93 -4.88 13.64
N GLN A 130 -7.45 -4.95 12.40
CA GLN A 130 -6.62 -4.53 11.26
C GLN A 130 -6.45 -3.00 11.33
N CYS A 131 -7.51 -2.28 11.71
CA CYS A 131 -7.38 -0.81 11.78
C CYS A 131 -6.36 -0.40 12.85
N VAL A 132 -6.31 -1.14 13.98
CA VAL A 132 -5.31 -0.84 15.03
C VAL A 132 -3.91 -0.89 14.44
N ARG A 133 -3.62 -1.96 13.71
CA ARG A 133 -2.31 -2.11 13.09
C ARG A 133 -2.03 -0.98 12.07
N MET A 134 -3.06 -0.58 11.32
CA MET A 134 -2.83 0.49 10.39
C MET A 134 -2.60 1.83 11.07
N ARG A 135 -3.35 2.10 12.14
CA ARG A 135 -3.18 3.36 12.87
C ARG A 135 -1.80 3.37 13.53
N HIS A 136 -1.34 2.24 14.04
CA HIS A 136 0.03 2.21 14.64
C HIS A 136 1.06 2.62 13.56
N LEU A 137 0.92 2.08 12.36
CA LEU A 137 1.85 2.47 11.27
C LEU A 137 1.80 3.98 11.08
N SER A 138 0.59 4.54 11.05
CA SER A 138 0.44 5.99 10.91
C SER A 138 1.20 6.77 12.01
N GLN A 139 1.13 6.29 13.25
CA GLN A 139 1.82 6.96 14.36
C GLN A 139 3.33 6.94 14.21
N GLU A 140 3.85 5.92 13.56
N GLU A 140 3.86 5.91 13.55
CA GLU A 140 5.27 5.85 13.39
CA GLU A 140 5.29 5.81 13.33
C GLU A 140 5.76 6.99 12.44
C GLU A 140 5.76 7.00 12.46
N PHE A 141 4.93 7.49 11.51
CA PHE A 141 5.39 8.61 10.72
C PHE A 141 5.68 9.84 11.62
N GLY A 142 4.90 9.95 12.70
CA GLY A 142 5.12 11.00 13.67
C GLY A 142 6.30 10.74 14.59
N TRP A 143 6.35 9.55 15.16
CA TRP A 143 7.43 9.17 16.09
C TRP A 143 8.78 9.26 15.45
N LEU A 144 8.87 8.87 14.17
CA LEU A 144 10.15 8.92 13.47
C LEU A 144 10.40 10.25 12.76
N GLN A 145 9.43 11.18 12.78
CA GLN A 145 9.56 12.49 12.13
C GLN A 145 9.90 12.26 10.64
N ILE A 146 9.10 11.44 10.00
CA ILE A 146 9.36 11.14 8.59
C ILE A 146 9.09 12.39 7.73
N THR A 147 10.03 12.75 6.84
CA THR A 147 9.83 13.91 5.99
C THR A 147 9.00 13.55 4.76
N PRO A 148 8.31 14.52 4.12
CA PRO A 148 7.51 14.18 2.93
C PRO A 148 8.37 13.54 1.81
N GLN A 149 9.65 13.93 1.71
CA GLN A 149 10.53 13.36 0.70
C GLN A 149 10.94 11.91 1.08
N GLU A 150 11.15 11.63 2.37
CA GLU A 150 11.45 10.26 2.77
C GLU A 150 10.19 9.43 2.48
N PHE A 151 9.01 10.01 2.70
CA PHE A 151 7.79 9.25 2.48
C PHE A 151 7.69 8.85 0.98
N LEU A 152 7.92 9.83 0.09
CA LEU A 152 7.86 9.59 -1.37
C LEU A 152 8.84 8.53 -1.78
N CYS A 153 10.07 8.60 -1.27
N CYS A 153 10.09 8.60 -1.29
CA CYS A 153 11.05 7.61 -1.65
CA CYS A 153 11.09 7.60 -1.65
C CYS A 153 10.69 6.23 -1.11
C CYS A 153 10.71 6.21 -1.11
N MET A 154 10.25 6.15 0.14
CA MET A 154 9.87 4.86 0.73
C MET A 154 8.72 4.22 -0.04
N LYS A 155 7.73 5.03 -0.38
CA LYS A 155 6.56 4.50 -1.07
C LYS A 155 6.98 3.95 -2.47
N ALA A 156 7.85 4.65 -3.21
CA ALA A 156 8.31 4.13 -4.53
C ALA A 156 9.00 2.76 -4.35
N LEU A 157 9.86 2.64 -3.34
CA LEU A 157 10.56 1.35 -3.05
C LEU A 157 9.60 0.22 -2.67
N LEU A 158 8.55 0.58 -1.94
CA LEU A 158 7.54 -0.39 -1.53
C LEU A 158 6.94 -1.11 -2.77
N LEU A 159 6.85 -0.41 -3.88
CA LEU A 159 6.34 -1.05 -5.11
C LEU A 159 7.26 -2.20 -5.50
N PHE A 160 8.57 -2.07 -5.24
CA PHE A 160 9.51 -3.11 -5.63
C PHE A 160 9.91 -4.02 -4.49
N SER A 161 8.95 -4.37 -3.65
CA SER A 161 9.21 -5.15 -2.46
C SER A 161 8.44 -6.47 -2.30
N ILE A 162 7.89 -7.00 -3.38
CA ILE A 162 7.21 -8.29 -3.27
C ILE A 162 7.22 -8.96 -4.63
N ILE A 163 7.83 -10.15 -4.61
CA ILE A 163 7.98 -10.96 -5.83
C ILE A 163 7.75 -12.47 -5.73
N PRO A 164 7.55 -13.11 -6.94
CA PRO A 164 7.32 -14.58 -6.97
C PRO A 164 8.57 -15.25 -6.44
N VAL A 165 8.40 -16.33 -5.68
N VAL A 165 8.41 -16.33 -5.67
CA VAL A 165 9.54 -17.07 -5.13
CA VAL A 165 9.53 -17.07 -5.12
C VAL A 165 10.42 -17.59 -6.27
C VAL A 165 10.42 -17.60 -6.28
N ASP A 166 9.81 -17.96 -7.40
N ASP A 166 9.79 -17.93 -7.41
CA ASP A 166 10.55 -18.43 -8.56
CA ASP A 166 10.50 -18.41 -8.60
C ASP A 166 10.92 -17.29 -9.52
C ASP A 166 11.02 -17.27 -9.47
N GLY A 167 10.85 -16.04 -9.04
CA GLY A 167 11.27 -14.93 -9.88
C GLY A 167 10.29 -14.39 -10.93
N LEU A 168 10.65 -13.23 -11.47
CA LEU A 168 9.85 -12.55 -12.50
C LEU A 168 10.30 -12.95 -13.89
N LYS A 169 9.56 -12.52 -14.93
CA LYS A 169 9.92 -12.87 -16.33
C LYS A 169 11.32 -12.39 -16.63
N ASN A 170 11.61 -11.20 -16.14
N ASN A 170 11.63 -11.20 -16.16
CA ASN A 170 12.95 -10.71 -16.27
CA ASN A 170 12.96 -10.61 -16.34
C ASN A 170 13.39 -10.12 -14.97
C ASN A 170 13.49 -10.13 -15.02
N GLN A 171 13.87 -11.03 -14.13
CA GLN A 171 14.35 -10.65 -12.83
C GLN A 171 15.53 -9.67 -12.83
N LYS A 172 16.49 -9.78 -13.76
CA LYS A 172 17.63 -8.84 -13.71
C LYS A 172 17.22 -7.34 -13.80
N PHE A 173 16.23 -7.03 -14.63
CA PHE A 173 15.82 -5.61 -14.76
C PHE A 173 15.20 -5.13 -13.44
N PHE A 174 14.46 -6.03 -12.79
CA PHE A 174 13.83 -5.75 -11.51
C PHE A 174 14.88 -5.53 -10.42
N ASP A 175 15.88 -6.44 -10.33
CA ASP A 175 16.90 -6.31 -9.29
C ASP A 175 17.67 -4.99 -9.43
N GLU A 176 17.95 -4.59 -10.68
CA GLU A 176 18.68 -3.34 -10.93
C GLU A 176 17.81 -2.13 -10.52
N LEU A 177 16.53 -2.17 -10.85
CA LEU A 177 15.62 -1.06 -10.51
C LEU A 177 15.44 -0.93 -8.98
N ARG A 178 15.33 -2.06 -8.30
CA ARG A 178 15.15 -2.05 -6.85
C ARG A 178 16.46 -1.49 -6.25
N MET A 179 17.58 -1.96 -6.77
CA MET A 179 18.86 -1.45 -6.24
C MET A 179 18.96 0.08 -6.37
N ASN A 180 18.53 0.63 -7.50
CA ASN A 180 18.56 2.08 -7.70
C ASN A 180 17.63 2.84 -6.76
N TYR A 181 16.45 2.29 -6.48
CA TYR A 181 15.54 2.97 -5.56
C TYR A 181 16.10 2.89 -4.11
N ILE A 182 16.85 1.85 -3.79
CA ILE A 182 17.43 1.79 -2.43
C ILE A 182 18.49 2.89 -2.33
N LYS A 183 19.32 2.98 -3.36
CA LYS A 183 20.37 4.02 -3.41
C LYS A 183 19.77 5.43 -3.33
N GLU A 184 18.62 5.67 -3.99
CA GLU A 184 18.01 7.02 -3.92
C GLU A 184 17.54 7.32 -2.49
N LEU A 185 17.01 6.31 -1.80
CA LEU A 185 16.57 6.47 -0.40
C LEU A 185 17.80 6.84 0.42
N ASP A 186 18.92 6.18 0.17
CA ASP A 186 20.15 6.45 0.93
C ASP A 186 20.63 7.88 0.65
N ARG A 187 20.52 8.29 -0.61
CA ARG A 187 20.94 9.62 -1.00
C ARG A 187 20.16 10.74 -0.26
N ILE A 188 18.82 10.66 -0.23
CA ILE A 188 17.99 11.70 0.41
C ILE A 188 18.33 11.67 1.87
N ILE A 189 18.83 10.53 2.28
CA ILE A 189 19.20 10.52 3.65
C ILE A 189 20.45 11.38 3.84
N ALA A 190 21.58 11.04 3.18
CA ALA A 190 22.79 11.72 3.28
C ALA A 190 22.39 13.13 2.99
N CYS A 191 21.70 13.62 2.02
CA CYS A 191 21.58 15.10 2.19
C CYS A 191 21.25 16.12 3.29
N LYS A 192 21.89 15.95 4.44
CA LYS A 192 21.74 16.84 5.56
C LYS A 192 22.57 16.08 6.63
N ARG A 193 22.97 14.86 6.32
CA ARG A 193 23.77 14.07 7.25
C ARG A 193 25.18 13.84 6.70
N THR A 197 26.70 7.72 10.87
CA THR A 197 26.13 7.13 12.08
C THR A 197 24.68 7.53 12.32
N SER A 198 24.62 8.71 11.82
CA SER A 198 23.36 9.33 11.91
C SER A 198 22.68 8.75 10.70
N CYS A 199 23.35 8.81 9.58
CA CYS A 199 22.71 8.26 8.45
C CYS A 199 22.39 6.80 8.63
N SER A 200 23.06 6.09 9.07
CA SER A 200 23.01 4.72 9.37
C SER A 200 21.93 4.60 10.35
N ARG A 201 21.86 5.25 11.47
CA ARG A 201 20.72 4.92 12.30
C ARG A 201 19.44 5.23 11.56
N ARG A 202 19.49 6.24 10.68
CA ARG A 202 18.29 6.65 9.93
C ARG A 202 17.88 5.60 8.92
N PHE A 203 18.84 5.09 8.15
CA PHE A 203 18.55 4.06 7.15
C PHE A 203 17.98 2.83 7.86
N TYR A 204 18.55 2.50 9.01
CA TYR A 204 18.06 1.37 9.80
C TYR A 204 16.58 1.57 10.18
N GLN A 205 16.23 2.78 10.64
CA GLN A 205 14.84 3.15 11.03
C GLN A 205 13.82 3.05 9.88
N LEU A 206 14.25 3.57 8.74
CA LEU A 206 13.36 3.60 7.58
C LEU A 206 13.12 2.21 6.99
N THR A 207 14.18 1.39 6.93
CA THR A 207 14.05 -0.01 6.42
C THR A 207 13.21 -0.86 7.40
N LYS A 208 13.36 -0.64 8.71
CA LYS A 208 12.48 -1.34 9.67
C LYS A 208 11.01 -0.90 9.42
N LEU A 209 10.80 0.38 9.16
CA LEU A 209 9.44 0.89 8.95
C LEU A 209 8.88 0.27 7.67
N LEU A 210 9.67 0.22 6.61
CA LEU A 210 9.22 -0.42 5.34
C LEU A 210 8.83 -1.90 5.57
N ASP A 211 9.71 -2.63 6.26
CA ASP A 211 9.38 -4.02 6.57
C ASP A 211 8.03 -4.18 7.30
N SER A 212 7.76 -3.30 8.27
CA SER A 212 6.55 -3.38 9.09
C SER A 212 5.29 -3.27 8.28
N VAL A 213 5.40 -2.80 7.03
CA VAL A 213 4.20 -2.72 6.20
C VAL A 213 3.72 -4.10 5.76
N GLN A 214 4.67 -5.01 5.55
CA GLN A 214 4.37 -6.36 5.00
C GLN A 214 3.41 -7.22 5.83
N PRO A 215 3.61 -7.30 7.15
CA PRO A 215 2.70 -8.11 7.99
C PRO A 215 1.29 -7.48 7.98
N ILE A 216 1.24 -6.15 7.94
CA ILE A 216 -0.05 -5.44 7.93
C ILE A 216 -0.73 -5.79 6.60
N ALA A 217 -0.02 -5.66 5.47
CA ALA A 217 -0.62 -6.02 4.16
C ALA A 217 -1.08 -7.49 4.12
N ARG A 218 -0.28 -8.36 4.73
CA ARG A 218 -0.67 -9.78 4.76
C ARG A 218 -2.02 -9.97 5.51
N GLU A 219 -2.22 -9.30 6.65
CA GLU A 219 -3.52 -9.40 7.35
C GLU A 219 -4.69 -8.89 6.53
N LEU A 220 -4.45 -7.81 5.78
CA LEU A 220 -5.49 -7.24 4.95
C LEU A 220 -5.78 -8.15 3.76
N HIS A 221 -4.74 -8.78 3.21
CA HIS A 221 -4.97 -9.74 2.11
C HIS A 221 -5.87 -10.90 2.59
N GLN A 222 -5.60 -11.38 3.81
CA GLN A 222 -6.39 -12.49 4.37
C GLN A 222 -7.82 -12.00 4.55
N PHE A 223 -7.94 -10.78 5.10
CA PHE A 223 -9.27 -10.23 5.34
C PHE A 223 -10.07 -9.97 4.06
N THR A 224 -9.48 -9.40 3.02
CA THR A 224 -10.25 -9.12 1.82
C THR A 224 -10.55 -10.41 1.08
N PHE A 225 -9.61 -11.35 1.16
CA PHE A 225 -9.82 -12.65 0.50
C PHE A 225 -11.03 -13.35 1.18
N ASP A 226 -10.99 -13.48 2.51
CA ASP A 226 -12.12 -14.10 3.21
C ASP A 226 -13.46 -13.40 2.92
N LEU A 227 -13.44 -12.07 2.82
CA LEU A 227 -14.65 -11.31 2.54
C LEU A 227 -15.17 -11.54 1.12
N LEU A 228 -14.25 -11.66 0.16
CA LEU A 228 -14.65 -11.88 -1.23
C LEU A 228 -15.40 -13.23 -1.32
N ILE A 229 -14.81 -14.27 -0.71
CA ILE A 229 -15.39 -15.62 -0.70
C ILE A 229 -16.79 -15.64 -0.09
N LYS A 230 -17.03 -14.92 1.00
CA LYS A 230 -18.35 -14.88 1.58
C LYS A 230 -19.19 -13.65 1.18
N SER A 231 -18.66 -12.82 0.29
CA SER A 231 -19.34 -11.58 -0.10
C SER A 231 -20.82 -11.71 -0.54
N HIS A 232 -21.25 -12.85 -1.12
CA HIS A 232 -22.67 -13.11 -1.56
C HIS A 232 -23.68 -13.13 -0.52
N MET A 233 -23.14 -13.37 0.62
CA MET A 233 -24.00 -13.46 1.69
C MET A 233 -23.70 -12.32 2.63
N VAL A 234 -22.69 -11.48 2.54
CA VAL A 234 -22.70 -10.48 3.62
C VAL A 234 -22.99 -9.17 3.02
N SER A 235 -23.56 -9.23 1.81
CA SER A 235 -24.00 -8.10 0.97
C SER A 235 -22.94 -7.09 0.59
N VAL A 236 -21.68 -7.50 0.70
CA VAL A 236 -20.59 -6.60 0.37
C VAL A 236 -20.26 -6.68 -1.11
N ASP A 237 -20.23 -5.53 -1.76
N ASP A 237 -20.21 -5.52 -1.77
CA ASP A 237 -19.93 -5.44 -3.18
CA ASP A 237 -19.91 -5.45 -3.19
C ASP A 237 -18.43 -5.31 -3.47
C ASP A 237 -18.43 -5.27 -3.51
N PHE A 238 -17.96 -6.02 -4.51
CA PHE A 238 -16.57 -5.97 -4.96
C PHE A 238 -16.52 -5.60 -6.45
N PRO A 239 -15.95 -4.44 -6.80
CA PRO A 239 -15.90 -4.10 -8.22
C PRO A 239 -15.04 -5.11 -9.01
N GLU A 240 -15.39 -5.30 -10.27
CA GLU A 240 -14.69 -6.22 -11.15
C GLU A 240 -13.15 -6.30 -11.08
N MET A 241 -12.44 -5.16 -11.21
CA MET A 241 -11.02 -5.18 -11.21
C MET A 241 -10.53 -5.81 -9.93
N MET A 242 -11.14 -6.33 -9.18
N MET A 242 -11.35 -5.63 -8.94
CA MET A 242 -10.43 -6.59 -7.82
CA MET A 242 -10.90 -6.14 -7.67
C MET A 242 -10.96 -7.82 -7.15
C MET A 242 -11.05 -7.61 -7.49
N ALA A 243 -11.70 -7.81 -7.78
CA ALA A 243 -12.16 -9.17 -7.45
C ALA A 243 -11.28 -10.14 -8.22
N GLU A 244 -10.86 -9.66 -9.39
N GLU A 244 -10.96 -9.77 -9.40
CA GLU A 244 -9.97 -10.41 -10.25
CA GLU A 244 -10.02 -10.47 -10.26
C GLU A 244 -8.67 -10.60 -9.51
C GLU A 244 -8.66 -10.57 -9.53
N ILE A 245 -8.10 -9.45 -9.08
CA ILE A 245 -6.84 -9.43 -8.37
C ILE A 245 -6.89 -10.24 -7.06
N ILE A 246 -7.97 -10.12 -6.33
CA ILE A 246 -8.13 -10.79 -5.05
C ILE A 246 -8.27 -12.32 -5.23
N SER A 247 -8.83 -12.75 -6.35
CA SER A 247 -9.00 -14.19 -6.56
C SER A 247 -7.88 -14.83 -7.38
N VAL A 248 -7.11 -14.00 -8.07
CA VAL A 248 -6.05 -14.53 -8.93
C VAL A 248 -4.66 -14.27 -8.39
N GLN A 249 -4.36 -13.02 -7.98
CA GLN A 249 -3.03 -12.69 -7.47
C GLN A 249 -2.87 -12.84 -5.96
N VAL A 250 -3.86 -12.36 -5.20
CA VAL A 250 -3.77 -12.43 -3.76
C VAL A 250 -3.56 -13.86 -3.24
N PRO A 251 -4.27 -14.85 -3.82
CA PRO A 251 -4.05 -16.23 -3.32
C PRO A 251 -2.56 -16.69 -3.54
N LYS A 252 -1.91 -16.19 -4.59
N LYS A 252 -1.91 -16.18 -4.58
CA LYS A 252 -0.51 -16.56 -4.83
CA LYS A 252 -0.52 -16.54 -4.84
C LYS A 252 0.32 -16.11 -3.65
C LYS A 252 0.33 -16.10 -3.66
N ILE A 253 -0.02 -14.95 -3.08
CA ILE A 253 0.74 -14.46 -1.94
C ILE A 253 0.40 -15.27 -0.70
N LEU A 254 -0.90 -15.45 -0.45
CA LEU A 254 -1.32 -16.16 0.75
C LEU A 254 -0.86 -17.64 0.75
N SER A 255 -0.64 -18.21 -0.42
CA SER A 255 -0.20 -19.62 -0.50
C SER A 255 1.31 -19.71 -0.52
N GLY A 256 2.00 -18.57 -0.33
CA GLY A 256 3.46 -18.60 -0.28
C GLY A 256 4.18 -18.64 -1.61
N LYS A 257 3.45 -18.53 -2.73
CA LYS A 257 4.09 -18.52 -4.03
C LYS A 257 4.77 -17.17 -4.37
N VAL A 258 4.26 -16.10 -3.76
CA VAL A 258 4.75 -14.75 -3.93
C VAL A 258 5.02 -14.24 -2.51
N LYS A 259 6.22 -13.68 -2.29
CA LYS A 259 6.62 -13.26 -0.94
C LYS A 259 7.25 -11.89 -0.88
N PRO A 260 7.10 -11.22 0.26
CA PRO A 260 7.71 -9.91 0.38
C PRO A 260 9.22 -10.05 0.51
N ILE A 261 9.90 -8.99 0.11
CA ILE A 261 11.35 -8.87 0.21
C ILE A 261 11.59 -8.04 1.47
N TYR A 262 12.19 -8.67 2.47
CA TYR A 262 12.46 -7.97 3.73
C TYR A 262 13.91 -7.50 3.78
N PHE A 263 14.12 -6.37 4.46
CA PHE A 263 15.47 -5.87 4.64
C PHE A 263 16.12 -6.66 5.79
N HIS A 264 15.39 -6.79 6.90
CA HIS A 264 15.85 -7.45 8.11
C HIS A 264 15.13 -8.75 8.30
N THR A 265 15.75 -9.81 9.38
CA THR A 265 15.19 -11.04 9.66
C THR A 265 14.10 -10.71 10.64
N GLN A 266 13.10 -11.32 9.99
CA GLN A 266 11.73 -11.32 10.28
C GLN A 266 11.15 -11.87 11.55
#